data_4GSU
#
_entry.id   4GSU
#
_cell.length_a   68.937
_cell.length_b   73.433
_cell.length_c   104.071
_cell.angle_alpha   90.00
_cell.angle_beta   90.00
_cell.angle_gamma   90.00
#
_symmetry.space_group_name_H-M   'P 21 21 21'
#
loop_
_entity.id
_entity.type
_entity.pdbx_description
1 polymer 'Probable conserved lipoprotein LPPS'
2 non-polymer '(2S,3R,4S)-4-{[(3S,5S)-5-(dimethylcarbamoyl)pyrrolidin-3-yl]sulfanyl}-2-[(2S,3R)-3-hydroxy-1-oxobutan-2-yl]-3-methyl-3,4-dihydro-2H-pyrrole-5-carboxylic acid'
3 water water
#
_entity_poly.entity_id   1
_entity_poly.type   'polypeptide(L)'
_entity_poly.pdbx_seq_one_letter_code
;MLGLGGAATRQLTFQTSSPAHLTMPYVMPGDGEVVGVGEPVAIRFDENIADRGAAEKAIKITTNPPVEGAFYWLNNREVR
WRPEHFWKPGTAVDVAVNTYGVDLGEGMFGEDNVQTHFTIGDEVIATADDNTKILTVRVNGEVVKSMPTSMGKDSTPTAN
GIYIVGSRYKHIIMDSSTYGVPVNSPNGYRTDVDWATQISYSGVFVHSAPWSVGAQGHTNTSHGCLNVSPSNAQWFYDHV
KRGDIVEVVNTVGGTLPGIDGLGDWNIPWDQWRAGNAKALEHHHHHH
;
_entity_poly.pdbx_strand_id   A,B
#
# COMPACT_ATOMS: atom_id res chain seq x y z
N LEU A 12 18.59 -9.56 -9.27
CA LEU A 12 18.00 -9.24 -7.94
C LEU A 12 18.69 -10.01 -6.82
N THR A 13 18.93 -9.32 -5.71
CA THR A 13 19.50 -9.94 -4.52
C THR A 13 18.42 -10.09 -3.44
N PHE A 14 18.20 -11.32 -3.00
CA PHE A 14 17.19 -11.61 -2.00
C PHE A 14 17.49 -10.94 -0.64
N GLN A 15 16.45 -10.38 -0.04
CA GLN A 15 16.53 -9.85 1.31
C GLN A 15 15.62 -10.62 2.26
N THR A 16 16.18 -11.18 3.33
CA THR A 16 15.39 -11.76 4.41
C THR A 16 14.45 -10.73 5.06
N SER A 17 13.30 -11.18 5.55
CA SER A 17 12.29 -10.29 6.13
C SER A 17 11.31 -10.98 7.10
N SER A 18 10.58 -10.13 7.84
CA SER A 18 9.52 -10.50 8.80
C SER A 18 8.35 -9.49 8.64
N PRO A 19 7.09 -9.96 8.67
CA PRO A 19 5.95 -9.03 8.56
C PRO A 19 5.91 -7.91 9.64
N ALA A 20 6.56 -8.11 10.78
CA ALA A 20 6.63 -7.04 11.81
C ALA A 20 7.71 -5.97 11.55
N HIS A 21 8.59 -6.18 10.56
CA HIS A 21 9.75 -5.30 10.33
C HIS A 21 9.86 -4.81 8.90
N LEU A 22 8.73 -4.76 8.21
CA LEU A 22 8.68 -4.36 6.81
C LEU A 22 7.73 -3.18 6.66
N THR A 23 8.07 -2.30 5.73
CA THR A 23 7.22 -1.17 5.39
C THR A 23 7.18 -1.00 3.87
N MET A 24 5.98 -0.76 3.36
CA MET A 24 5.76 -0.69 1.93
C MET A 24 5.58 0.79 1.53
N PRO A 25 6.20 1.21 0.43
CA PRO A 25 5.92 2.54 -0.08
C PRO A 25 4.73 2.55 -1.03
N TYR A 26 4.00 3.67 -1.02
CA TYR A 26 2.89 3.90 -1.92
C TYR A 26 3.17 5.21 -2.62
N VAL A 27 3.19 5.18 -3.94
CA VAL A 27 3.53 6.37 -4.69
C VAL A 27 2.29 6.99 -5.31
N MET A 28 2.24 8.32 -5.29
CA MET A 28 1.28 9.07 -6.08
C MET A 28 2.02 10.12 -6.91
N PRO A 29 1.45 10.52 -8.06
CA PRO A 29 0.18 9.99 -8.58
C PRO A 29 0.37 8.63 -9.26
N GLY A 30 -0.73 8.02 -9.70
CA GLY A 30 -0.70 6.69 -10.30
C GLY A 30 0.05 6.64 -11.62
N ASP A 31 0.55 5.45 -11.92
CA ASP A 31 1.23 5.14 -13.17
C ASP A 31 0.31 5.42 -14.35
N GLY A 32 0.82 6.14 -15.34
CA GLY A 32 0.07 6.57 -16.50
C GLY A 32 -0.83 7.79 -16.34
N GLU A 33 -0.98 8.35 -15.14
CA GLU A 33 -1.91 9.45 -14.96
C GLU A 33 -1.41 10.76 -15.61
N VAL A 34 -2.33 11.61 -16.04
CA VAL A 34 -2.02 12.97 -16.48
C VAL A 34 -2.48 13.87 -15.34
N VAL A 35 -1.60 14.70 -14.80
CA VAL A 35 -1.97 15.53 -13.65
C VAL A 35 -1.73 17.00 -13.95
N GLY A 36 -2.23 17.87 -13.08
CA GLY A 36 -2.03 19.30 -13.18
C GLY A 36 -0.62 19.75 -12.77
N VAL A 37 -0.35 21.04 -12.99
CA VAL A 37 1.00 21.64 -12.84
C VAL A 37 1.40 21.80 -11.37
N GLY A 38 0.47 21.53 -10.46
CA GLY A 38 0.79 21.68 -9.06
C GLY A 38 1.04 20.39 -8.33
N GLU A 39 0.97 19.27 -9.07
CA GLU A 39 1.06 17.94 -8.45
C GLU A 39 2.45 17.59 -7.98
N PRO A 40 2.64 17.44 -6.66
CA PRO A 40 3.93 16.92 -6.24
C PRO A 40 3.97 15.39 -6.42
N VAL A 41 5.17 14.83 -6.47
CA VAL A 41 5.37 13.39 -6.31
C VAL A 41 5.25 13.09 -4.82
N ALA A 42 4.47 12.07 -4.47
CA ALA A 42 4.28 11.74 -3.06
C ALA A 42 4.62 10.28 -2.86
N ILE A 43 5.45 10.01 -1.86
CA ILE A 43 5.74 8.64 -1.46
C ILE A 43 5.32 8.51 0.00
N ARG A 44 4.32 7.68 0.24
CA ARG A 44 3.79 7.50 1.56
C ARG A 44 4.04 6.07 2.02
N PHE A 45 4.66 5.93 3.18
CA PHE A 45 5.00 4.62 3.70
C PHE A 45 3.90 4.17 4.66
N ASP A 46 3.75 2.87 4.83
CA ASP A 46 2.68 2.38 5.72
C ASP A 46 3.09 2.37 7.20
N GLU A 47 4.30 2.83 7.48
CA GLU A 47 4.80 3.03 8.85
C GLU A 47 5.58 4.33 8.94
N ASN A 48 5.64 4.92 10.13
CA ASN A 48 6.57 6.02 10.41
C ASN A 48 8.01 5.58 10.11
N ILE A 49 8.76 6.44 9.45
CA ILE A 49 10.12 6.17 9.00
C ILE A 49 11.08 6.86 9.96
N ALA A 50 12.03 6.13 10.53
CA ALA A 50 13.04 6.76 11.39
C ALA A 50 14.19 7.34 10.58
N ASP A 51 14.71 6.61 9.59
CA ASP A 51 15.82 7.15 8.80
C ASP A 51 15.29 7.77 7.51
N ARG A 52 14.87 9.02 7.63
CA ARG A 52 14.28 9.73 6.49
C ARG A 52 15.31 10.04 5.38
N GLY A 53 16.54 10.31 5.79
CA GLY A 53 17.64 10.48 4.82
C GLY A 53 17.83 9.24 3.96
N ALA A 54 17.75 8.05 4.58
CA ALA A 54 17.91 6.79 3.82
C ALA A 54 16.79 6.60 2.81
N ALA A 55 15.56 6.96 3.19
CA ALA A 55 14.43 6.88 2.27
C ALA A 55 14.64 7.76 1.04
N GLU A 56 15.11 8.98 1.27
CA GLU A 56 15.29 9.95 0.21
C GLU A 56 16.32 9.46 -0.79
N LYS A 57 17.40 8.94 -0.24
CA LYS A 57 18.50 8.44 -1.00
C LYS A 57 18.05 7.26 -1.85
N ALA A 58 17.03 6.56 -1.41
CA ALA A 58 16.48 5.45 -2.13
C ALA A 58 15.55 5.80 -3.29
N ILE A 59 15.14 7.05 -3.39
CA ILE A 59 14.18 7.48 -4.35
C ILE A 59 14.81 8.31 -5.45
N LYS A 60 14.54 7.94 -6.68
CA LYS A 60 15.20 8.56 -7.80
C LYS A 60 14.10 9.16 -8.67
N ILE A 61 14.13 10.48 -8.85
CA ILE A 61 13.12 11.13 -9.69
C ILE A 61 13.82 11.76 -10.88
N THR A 62 13.34 11.45 -12.07
CA THR A 62 13.91 12.00 -13.29
C THR A 62 12.77 12.67 -14.07
N THR A 63 13.10 13.78 -14.71
CA THR A 63 12.09 14.59 -15.41
C THR A 63 12.55 14.91 -16.82
N ASN A 64 11.59 15.10 -17.73
CA ASN A 64 11.91 15.44 -19.12
C ASN A 64 10.81 16.36 -19.66
N PRO A 65 11.14 17.63 -19.93
CA PRO A 65 12.40 18.34 -19.77
C PRO A 65 12.85 18.36 -18.31
N PRO A 66 14.18 18.29 -18.07
CA PRO A 66 14.69 18.17 -16.69
C PRO A 66 14.53 19.46 -15.91
N VAL A 67 14.10 19.33 -14.66
CA VAL A 67 13.91 20.49 -13.82
C VAL A 67 14.42 20.13 -12.43
N GLU A 68 15.02 21.11 -11.76
CA GLU A 68 15.53 20.94 -10.39
C GLU A 68 14.35 20.72 -9.43
N GLY A 69 14.47 19.74 -8.54
CA GLY A 69 13.43 19.55 -7.52
C GLY A 69 14.06 19.14 -6.21
N ALA A 70 13.24 19.00 -5.17
CA ALA A 70 13.77 18.61 -3.86
C ALA A 70 12.70 17.94 -3.05
N PHE A 71 13.14 17.15 -2.05
CA PHE A 71 12.27 16.41 -1.15
C PHE A 71 12.00 17.23 0.08
N TYR A 72 10.75 17.13 0.55
CA TYR A 72 10.37 17.67 1.85
C TYR A 72 9.33 16.74 2.50
N TRP A 73 9.51 16.45 3.79
CA TRP A 73 8.60 15.56 4.52
C TRP A 73 7.42 16.26 5.11
N LEU A 74 6.22 15.87 4.74
CA LEU A 74 5.02 16.38 5.36
C LEU A 74 4.85 15.91 6.80
N ASN A 75 5.26 14.70 7.07
CA ASN A 75 5.18 14.08 8.40
C ASN A 75 6.12 12.88 8.35
N ASN A 76 6.14 12.07 9.37
CA ASN A 76 7.07 10.99 9.39
C ASN A 76 6.75 9.85 8.42
N ARG A 77 5.57 9.82 7.85
CA ARG A 77 5.15 8.79 6.92
C ARG A 77 5.25 9.15 5.44
N GLU A 78 5.26 10.43 5.14
CA GLU A 78 5.09 10.90 3.79
C GLU A 78 6.06 11.99 3.32
N VAL A 79 6.74 11.71 2.22
CA VAL A 79 7.68 12.66 1.63
C VAL A 79 7.16 13.13 0.28
N ARG A 80 7.45 14.40 -0.02
CA ARG A 80 7.01 15.03 -1.29
C ARG A 80 8.22 15.53 -2.05
N TRP A 81 8.10 15.56 -3.36
CA TRP A 81 9.10 16.15 -4.23
C TRP A 81 8.46 17.05 -5.23
N ARG A 82 8.97 18.28 -5.35
CA ARG A 82 8.48 19.18 -6.40
C ARG A 82 9.58 20.10 -6.90
N PRO A 83 9.35 20.75 -8.07
CA PRO A 83 10.24 21.83 -8.45
C PRO A 83 9.93 23.13 -7.69
N GLU A 84 10.72 24.16 -7.95
CA GLU A 84 10.53 25.46 -7.33
C GLU A 84 9.24 26.15 -7.79
N HIS A 85 8.92 25.98 -9.08
CA HIS A 85 7.73 26.55 -9.68
C HIS A 85 6.86 25.47 -10.24
N PHE A 86 5.61 25.81 -10.56
CA PHE A 86 4.67 24.83 -11.08
C PHE A 86 5.31 24.12 -12.28
N TRP A 87 4.92 22.87 -12.50
CA TRP A 87 5.44 22.07 -13.60
C TRP A 87 5.15 22.73 -14.91
N LYS A 88 6.03 22.57 -15.88
CA LYS A 88 5.77 23.00 -17.25
C LYS A 88 4.85 21.93 -17.89
N PRO A 89 3.73 22.34 -18.50
CA PRO A 89 2.86 21.39 -19.19
C PRO A 89 3.64 20.52 -20.18
N GLY A 90 3.28 19.25 -20.28
CA GLY A 90 3.97 18.31 -21.19
C GLY A 90 5.09 17.51 -20.54
N THR A 91 5.54 17.93 -19.35
CA THR A 91 6.68 17.27 -18.68
C THR A 91 6.40 15.79 -18.36
N ALA A 92 7.36 14.91 -18.65
CA ALA A 92 7.23 13.51 -18.21
C ALA A 92 8.05 13.30 -16.95
N VAL A 93 7.48 12.57 -16.00
CA VAL A 93 8.14 12.34 -14.72
C VAL A 93 8.21 10.84 -14.46
N ASP A 94 9.39 10.37 -14.07
CA ASP A 94 9.62 8.97 -13.72
C ASP A 94 10.07 8.89 -12.28
N VAL A 95 9.49 7.97 -11.53
CA VAL A 95 9.78 7.83 -10.12
C VAL A 95 10.14 6.39 -9.86
N ALA A 96 11.33 6.17 -9.33
CA ALA A 96 11.81 4.85 -8.99
C ALA A 96 12.02 4.86 -7.51
N VAL A 97 11.23 4.10 -6.77
CA VAL A 97 11.40 4.03 -5.32
C VAL A 97 12.09 2.70 -5.03
N ASN A 98 13.41 2.74 -4.84
CA ASN A 98 14.21 1.52 -4.78
C ASN A 98 14.46 1.14 -3.32
N THR A 99 13.37 0.83 -2.63
CA THR A 99 13.41 0.64 -1.17
C THR A 99 13.62 -0.80 -0.73
N TYR A 100 13.55 -1.75 -1.67
CA TYR A 100 13.68 -3.18 -1.33
C TYR A 100 14.93 -3.46 -0.49
N GLY A 101 14.73 -3.99 0.71
CA GLY A 101 15.85 -4.30 1.58
C GLY A 101 16.62 -3.11 2.14
N VAL A 102 16.16 -1.88 1.91
CA VAL A 102 16.81 -0.70 2.49
C VAL A 102 16.50 -0.62 4.00
N ASP A 103 17.55 -0.42 4.80
CA ASP A 103 17.40 -0.21 6.25
C ASP A 103 16.84 1.19 6.52
N LEU A 104 15.59 1.24 6.97
CA LEU A 104 14.93 2.51 7.21
C LEU A 104 14.99 2.90 8.68
N GLY A 105 15.91 2.28 9.41
CA GLY A 105 16.12 2.58 10.84
C GLY A 105 15.13 1.89 11.74
N GLU A 106 15.52 1.76 13.01
CA GLU A 106 14.72 1.10 14.05
C GLU A 106 14.25 -0.30 13.66
N GLY A 107 15.11 -1.03 12.95
CA GLY A 107 14.80 -2.38 12.52
C GLY A 107 13.73 -2.50 11.45
N MET A 108 13.34 -1.39 10.82
CA MET A 108 12.36 -1.43 9.74
C MET A 108 13.07 -1.51 8.38
N PHE A 109 12.57 -2.33 7.46
CA PHE A 109 13.20 -2.45 6.14
C PHE A 109 12.19 -2.24 5.00
N GLY A 110 12.64 -1.68 3.89
CA GLY A 110 11.80 -1.54 2.71
C GLY A 110 11.37 -2.91 2.18
N GLU A 111 10.09 -3.03 1.88
CA GLU A 111 9.47 -4.30 1.50
C GLU A 111 9.60 -4.63 0.02
N ASP A 112 9.66 -3.60 -0.82
CA ASP A 112 9.71 -3.80 -2.26
C ASP A 112 10.11 -2.51 -2.96
N ASN A 113 10.33 -2.60 -4.26
CA ASN A 113 10.55 -1.43 -5.11
C ASN A 113 9.25 -1.09 -5.83
N VAL A 114 8.97 0.21 -6.01
CA VAL A 114 7.84 0.63 -6.85
C VAL A 114 8.32 1.64 -7.88
N GLN A 115 7.76 1.58 -9.10
CA GLN A 115 8.16 2.48 -10.18
C GLN A 115 6.92 3.04 -10.83
N THR A 116 6.79 4.36 -10.85
CA THR A 116 5.66 5.03 -11.50
C THR A 116 6.12 6.07 -12.55
N HIS A 117 5.24 6.35 -13.50
CA HIS A 117 5.49 7.28 -14.57
C HIS A 117 4.23 8.09 -14.77
N PHE A 118 4.37 9.40 -14.92
CA PHE A 118 3.21 10.26 -15.17
C PHE A 118 3.56 11.47 -16.00
N THR A 119 2.52 12.18 -16.47
CA THR A 119 2.75 13.37 -17.27
C THR A 119 1.95 14.56 -16.78
N ILE A 120 2.46 15.74 -17.10
CA ILE A 120 1.81 16.99 -16.73
C ILE A 120 0.92 17.44 -17.86
N GLY A 121 -0.34 17.72 -17.54
CA GLY A 121 -1.31 18.23 -18.53
C GLY A 121 -1.30 19.75 -18.57
N ASP A 122 -2.40 20.35 -19.02
CA ASP A 122 -2.52 21.82 -19.17
C ASP A 122 -2.38 22.53 -17.84
N GLU A 123 -1.94 23.78 -17.89
CA GLU A 123 -1.90 24.65 -16.73
C GLU A 123 -3.32 25.12 -16.41
N VAL A 124 -3.86 24.65 -15.29
CA VAL A 124 -5.20 25.04 -14.88
C VAL A 124 -5.08 25.69 -13.53
N ILE A 125 -5.35 27.00 -13.50
CA ILE A 125 -5.28 27.78 -12.26
C ILE A 125 -6.57 28.58 -12.01
N ALA A 126 -7.24 28.26 -10.91
CA ALA A 126 -8.47 28.94 -10.55
C ALA A 126 -8.13 29.87 -9.39
N THR A 127 -8.50 31.13 -9.53
CA THR A 127 -8.30 32.13 -8.47
C THR A 127 -9.66 32.49 -7.82
N ALA A 128 -9.72 32.29 -6.51
CA ALA A 128 -10.88 32.69 -5.73
C ALA A 128 -10.49 33.98 -5.05
N ASP A 129 -11.10 35.06 -5.51
CA ASP A 129 -10.75 36.39 -5.02
C ASP A 129 -11.87 36.85 -4.09
N ASP A 130 -11.54 36.98 -2.81
CA ASP A 130 -12.50 37.37 -1.79
C ASP A 130 -12.97 38.82 -1.92
N ASN A 131 -12.18 39.66 -2.59
CA ASN A 131 -12.63 41.02 -2.89
C ASN A 131 -13.82 41.07 -3.86
N THR A 132 -13.81 40.20 -4.87
CA THR A 132 -14.90 40.17 -5.86
C THR A 132 -15.93 39.05 -5.62
N LYS A 133 -15.54 38.07 -4.80
CA LYS A 133 -16.32 36.86 -4.59
C LYS A 133 -16.57 36.11 -5.91
N ILE A 134 -15.57 36.13 -6.78
CA ILE A 134 -15.62 35.38 -8.03
C ILE A 134 -14.46 34.40 -8.04
N LEU A 135 -14.77 33.16 -8.44
CA LEU A 135 -13.76 32.15 -8.72
C LEU A 135 -13.50 32.09 -10.23
N THR A 136 -12.30 32.47 -10.66
CA THR A 136 -11.97 32.51 -12.10
C THR A 136 -11.00 31.39 -12.49
N VAL A 137 -11.36 30.61 -13.50
CA VAL A 137 -10.55 29.48 -13.94
C VAL A 137 -9.83 29.89 -15.23
N ARG A 138 -8.52 29.82 -15.18
CA ARG A 138 -7.68 30.01 -16.35
C ARG A 138 -7.04 28.69 -16.79
N VAL A 139 -7.14 28.43 -18.09
CA VAL A 139 -6.49 27.30 -18.71
C VAL A 139 -5.39 27.84 -19.62
N ASN A 140 -4.15 27.51 -19.31
CA ASN A 140 -2.98 28.05 -20.04
C ASN A 140 -3.04 29.58 -20.22
N GLY A 141 -3.44 30.28 -19.17
CA GLY A 141 -3.49 31.75 -19.18
C GLY A 141 -4.80 32.37 -19.67
N GLU A 142 -5.66 31.57 -20.27
CA GLU A 142 -6.92 32.05 -20.83
C GLU A 142 -8.09 31.79 -19.87
N VAL A 143 -8.93 32.79 -19.63
CA VAL A 143 -10.10 32.62 -18.76
C VAL A 143 -11.13 31.75 -19.46
N VAL A 144 -11.53 30.64 -18.83
CA VAL A 144 -12.54 29.79 -19.43
C VAL A 144 -13.88 29.80 -18.69
N LYS A 145 -13.88 30.30 -17.46
CA LYS A 145 -15.04 30.22 -16.59
C LYS A 145 -14.91 31.20 -15.45
N SER A 146 -16.03 31.87 -15.11
CA SER A 146 -16.16 32.68 -13.91
C SER A 146 -17.32 32.13 -13.11
N MET A 147 -17.14 31.97 -11.81
CA MET A 147 -18.17 31.45 -10.95
C MET A 147 -18.28 32.34 -9.73
N PRO A 148 -19.50 32.84 -9.43
CA PRO A 148 -19.72 33.45 -8.14
C PRO A 148 -19.49 32.45 -7.01
N THR A 149 -18.91 32.92 -5.93
CA THR A 149 -18.64 32.02 -4.83
C THR A 149 -18.94 32.68 -3.51
N SER A 150 -19.13 31.84 -2.50
CA SER A 150 -19.25 32.30 -1.13
C SER A 150 -18.27 31.53 -0.27
N MET A 151 -17.37 32.25 0.39
CA MET A 151 -16.31 31.58 1.14
C MET A 151 -16.57 31.70 2.62
N GLY A 152 -15.55 31.44 3.42
CA GLY A 152 -15.71 31.38 4.87
C GLY A 152 -16.14 32.70 5.46
N LYS A 153 -17.18 32.69 6.29
CA LYS A 153 -17.51 33.88 7.09
C LYS A 153 -16.37 34.31 8.03
N ASP A 154 -16.48 35.52 8.59
CA ASP A 154 -15.38 36.14 9.32
C ASP A 154 -14.89 35.31 10.51
N SER A 155 -15.80 34.65 11.19
CA SER A 155 -15.45 33.78 12.31
C SER A 155 -14.79 32.45 11.87
N THR A 156 -14.94 32.08 10.60
CA THR A 156 -14.38 30.82 10.09
C THR A 156 -13.87 31.02 8.67
N PRO A 157 -12.82 31.84 8.52
CA PRO A 157 -12.50 32.28 7.16
C PRO A 157 -11.79 31.21 6.36
N THR A 158 -11.89 31.28 5.04
CA THR A 158 -11.10 30.41 4.18
C THR A 158 -9.67 30.95 4.23
N ALA A 159 -8.66 30.09 4.45
CA ALA A 159 -7.25 30.55 4.45
C ALA A 159 -6.83 30.99 3.04
N ASN A 160 -6.00 32.02 2.95
CA ASN A 160 -5.32 32.36 1.71
C ASN A 160 -4.22 31.36 1.40
N GLY A 161 -3.89 31.25 0.12
CA GLY A 161 -2.72 30.53 -0.31
C GLY A 161 -3.00 29.68 -1.53
N ILE A 162 -2.04 28.81 -1.82
CA ILE A 162 -2.06 27.95 -3.00
C ILE A 162 -2.52 26.57 -2.54
N TYR A 163 -3.60 26.08 -3.15
CA TYR A 163 -4.20 24.79 -2.83
C TYR A 163 -4.08 23.92 -4.05
N ILE A 164 -3.70 22.67 -3.85
CA ILE A 164 -3.63 21.65 -4.90
C ILE A 164 -4.95 20.87 -4.89
N VAL A 165 -5.50 20.64 -6.08
CA VAL A 165 -6.70 19.84 -6.21
C VAL A 165 -6.35 18.37 -5.95
N GLY A 166 -7.11 17.73 -5.05
CA GLY A 166 -6.98 16.32 -4.72
C GLY A 166 -8.13 15.53 -5.30
N SER A 167 -8.86 14.85 -4.43
CA SER A 167 -9.96 13.96 -4.82
C SER A 167 -11.26 14.70 -5.20
N ARG A 168 -12.08 14.05 -6.04
CA ARG A 168 -13.34 14.56 -6.50
C ARG A 168 -14.47 13.57 -6.17
N TYR A 169 -15.62 14.09 -5.77
CA TYR A 169 -16.73 13.25 -5.32
C TYR A 169 -18.00 13.77 -5.91
N LYS A 170 -18.77 12.88 -6.53
CA LYS A 170 -20.13 13.22 -6.99
C LYS A 170 -21.04 13.51 -5.80
N HIS A 171 -20.76 12.84 -4.68
CA HIS A 171 -21.51 13.03 -3.45
C HIS A 171 -20.66 12.68 -2.26
N ILE A 172 -20.76 13.46 -1.19
CA ILE A 172 -19.95 13.18 -0.01
C ILE A 172 -20.67 13.68 1.23
N ILE A 173 -20.41 13.06 2.38
CA ILE A 173 -20.96 13.51 3.66
C ILE A 173 -19.95 14.34 4.48
N MET A 174 -20.38 15.53 4.85
CA MET A 174 -19.60 16.39 5.72
C MET A 174 -20.14 16.17 7.13
N ASP A 175 -19.38 15.44 7.93
CA ASP A 175 -19.83 15.10 9.27
C ASP A 175 -18.91 15.70 10.31
N SER A 176 -19.47 16.60 11.11
CA SER A 176 -18.69 17.36 12.09
C SER A 176 -18.01 16.51 13.19
N SER A 177 -18.58 15.35 13.48
CA SER A 177 -18.04 14.46 14.53
C SER A 177 -16.64 13.89 14.21
N THR A 178 -16.33 13.78 12.93
CA THR A 178 -15.01 13.39 12.49
C THR A 178 -14.05 14.47 12.84
N TYR A 179 -14.55 15.66 13.09
CA TYR A 179 -13.71 16.73 13.62
C TYR A 179 -13.88 16.75 15.14
N GLY A 180 -14.56 15.74 15.62
CA GLY A 180 -14.77 15.59 17.05
C GLY A 180 -15.84 16.48 17.62
N VAL A 181 -16.66 17.10 16.79
CA VAL A 181 -17.75 17.93 17.29
C VAL A 181 -19.06 17.35 16.83
N PRO A 182 -19.85 16.81 17.75
CA PRO A 182 -20.99 16.01 17.35
C PRO A 182 -22.18 16.78 16.81
N VAL A 183 -23.05 16.03 16.17
CA VAL A 183 -24.32 16.54 15.70
C VAL A 183 -25.26 16.68 16.89
N ASN A 184 -26.36 17.38 16.72
CA ASN A 184 -27.27 17.52 17.83
C ASN A 184 -26.34 18.03 18.83
N SER A 185 -25.70 19.10 18.40
CA SER A 185 -24.67 19.73 19.18
C SER A 185 -24.54 21.20 18.88
N PRO A 186 -23.47 21.80 19.36
CA PRO A 186 -23.38 23.24 19.19
C PRO A 186 -23.39 23.45 17.73
N ASN A 187 -22.57 22.71 17.04
CA ASN A 187 -22.42 22.88 15.62
C ASN A 187 -22.35 21.61 14.89
N GLY A 188 -22.87 20.54 15.49
CA GLY A 188 -22.80 19.27 14.82
C GLY A 188 -23.59 19.44 13.55
N TYR A 189 -23.06 19.02 12.42
CA TYR A 189 -23.80 19.05 11.18
C TYR A 189 -23.47 17.75 10.63
N ARG A 190 -24.36 17.24 9.86
CA ARG A 190 -24.12 16.21 8.90
C ARG A 190 -24.82 16.64 7.63
N THR A 191 -24.08 16.83 6.69
CA THR A 191 -24.54 17.48 5.51
C THR A 191 -24.23 16.71 4.27
N ASP A 192 -25.19 16.52 3.40
CA ASP A 192 -25.03 15.90 2.12
C ASP A 192 -24.58 16.98 1.14
N VAL A 193 -23.53 16.70 0.40
CA VAL A 193 -22.97 17.65 -0.55
C VAL A 193 -22.71 16.99 -1.89
N ASP A 194 -23.12 17.64 -2.98
CA ASP A 194 -22.88 17.21 -4.35
C ASP A 194 -21.65 17.89 -4.97
N TRP A 195 -21.01 17.17 -5.90
CA TRP A 195 -19.96 17.70 -6.77
C TRP A 195 -18.88 18.38 -5.96
N ALA A 196 -18.19 17.61 -5.12
CA ALA A 196 -17.26 18.18 -4.17
C ALA A 196 -15.84 17.89 -4.66
N THR A 197 -15.05 18.95 -4.84
CA THR A 197 -13.64 18.80 -5.22
C THR A 197 -12.80 19.21 -4.01
N GLN A 198 -11.97 18.28 -3.54
CA GLN A 198 -11.13 18.51 -2.39
C GLN A 198 -9.91 19.34 -2.76
N ILE A 199 -9.64 20.37 -1.95
CA ILE A 199 -8.47 21.22 -2.15
C ILE A 199 -7.63 21.37 -0.89
N SER A 200 -8.09 20.84 0.25
CA SER A 200 -7.20 20.68 1.39
C SER A 200 -7.51 19.43 2.24
N TYR A 201 -6.48 18.80 2.80
CA TYR A 201 -6.69 17.65 3.71
C TYR A 201 -7.45 18.08 4.96
N SER A 202 -7.35 19.36 5.31
CA SER A 202 -8.09 19.92 6.44
C SER A 202 -9.60 19.99 6.18
N GLY A 203 -10.01 19.66 4.95
CA GLY A 203 -11.43 19.57 4.61
C GLY A 203 -12.05 20.73 3.85
N VAL A 204 -11.23 21.57 3.22
CA VAL A 204 -11.77 22.60 2.33
C VAL A 204 -12.12 21.95 0.98
N PHE A 205 -13.33 22.21 0.48
CA PHE A 205 -13.77 21.69 -0.82
C PHE A 205 -14.36 22.80 -1.65
N VAL A 206 -14.31 22.66 -2.96
CA VAL A 206 -15.15 23.46 -3.81
C VAL A 206 -16.37 22.55 -4.01
N HIS A 207 -17.57 23.05 -3.75
CA HIS A 207 -18.74 22.18 -3.86
C HIS A 207 -20.03 22.89 -4.08
N SER A 208 -21.04 22.11 -4.46
CA SER A 208 -22.36 22.64 -4.73
C SER A 208 -23.01 23.05 -3.41
N ALA A 209 -23.58 24.26 -3.40
CA ALA A 209 -24.28 24.79 -2.22
C ALA A 209 -25.52 25.56 -2.68
N PRO A 210 -26.63 24.84 -2.94
CA PRO A 210 -27.90 25.51 -3.29
C PRO A 210 -28.36 26.49 -2.20
N TRP A 211 -28.02 26.20 -0.95
CA TRP A 211 -28.45 27.04 0.18
C TRP A 211 -27.80 28.38 0.24
N SER A 212 -26.75 28.62 -0.54
CA SER A 212 -26.10 29.93 -0.50
C SER A 212 -26.02 30.64 -1.85
N VAL A 213 -26.81 30.18 -2.82
CA VAL A 213 -26.77 30.80 -4.15
C VAL A 213 -26.97 32.31 -4.15
N GLY A 214 -27.82 32.82 -3.27
CA GLY A 214 -28.07 34.25 -3.19
C GLY A 214 -26.88 35.03 -2.66
N ALA A 215 -26.07 34.38 -1.82
CA ALA A 215 -24.87 34.99 -1.23
C ALA A 215 -23.64 34.89 -2.14
N GLN A 216 -23.60 33.85 -3.00
CA GLN A 216 -22.46 33.63 -3.88
C GLN A 216 -22.27 34.87 -4.77
N GLY A 217 -21.06 35.38 -4.82
CA GLY A 217 -20.80 36.61 -5.55
C GLY A 217 -20.99 37.87 -4.71
N HIS A 218 -21.43 37.73 -3.44
CA HIS A 218 -21.72 38.92 -2.59
C HIS A 218 -21.19 38.87 -1.20
N THR A 219 -21.44 37.75 -0.53
CA THR A 219 -21.26 37.64 0.90
C THR A 219 -20.69 36.26 1.22
N ASN A 220 -19.76 36.22 2.18
CA ASN A 220 -19.20 34.97 2.70
C ASN A 220 -20.07 34.37 3.78
N THR A 221 -20.51 33.13 3.60
CA THR A 221 -21.41 32.48 4.56
C THR A 221 -21.01 31.05 4.98
N SER A 222 -19.92 30.50 4.43
CA SER A 222 -19.60 29.08 4.64
C SER A 222 -18.72 28.88 5.86
N HIS A 223 -18.41 27.62 6.19
CA HIS A 223 -17.48 27.32 7.30
C HIS A 223 -16.04 27.36 6.85
N GLY A 224 -15.82 27.61 5.56
CA GLY A 224 -14.46 27.68 5.03
C GLY A 224 -14.37 27.16 3.61
N CYS A 225 -15.32 26.33 3.23
CA CYS A 225 -15.40 25.80 1.86
C CYS A 225 -15.74 26.87 0.84
N LEU A 226 -15.45 26.58 -0.42
CA LEU A 226 -15.84 27.46 -1.51
C LEU A 226 -17.19 26.98 -2.03
N ASN A 227 -18.25 27.64 -1.59
CA ASN A 227 -19.60 27.35 -2.05
C ASN A 227 -19.82 27.94 -3.43
N VAL A 228 -20.24 27.11 -4.38
CA VAL A 228 -20.62 27.62 -5.73
C VAL A 228 -21.98 27.01 -6.12
N SER A 229 -22.56 27.45 -7.22
CA SER A 229 -23.87 26.92 -7.65
C SER A 229 -23.78 25.42 -8.01
N PRO A 230 -24.91 24.68 -7.93
CA PRO A 230 -24.90 23.27 -8.39
C PRO A 230 -24.26 23.08 -9.77
N SER A 231 -24.63 23.90 -10.76
CA SER A 231 -24.05 23.70 -12.10
C SER A 231 -22.57 24.09 -12.19
N ASN A 232 -22.12 25.06 -11.39
CA ASN A 232 -20.73 25.47 -11.47
C ASN A 232 -19.85 24.45 -10.81
N ALA A 233 -20.39 23.84 -9.75
CA ALA A 233 -19.70 22.82 -8.99
C ALA A 233 -19.54 21.56 -9.84
N GLN A 234 -20.59 21.19 -10.56
CA GLN A 234 -20.50 20.07 -11.49
C GLN A 234 -19.48 20.37 -12.58
N TRP A 235 -19.51 21.59 -13.13
CA TRP A 235 -18.47 22.07 -14.08
C TRP A 235 -17.05 21.85 -13.58
N PHE A 236 -16.78 22.27 -12.34
CA PHE A 236 -15.46 22.19 -11.71
C PHE A 236 -15.02 20.74 -11.57
N TYR A 237 -15.94 19.92 -11.09
CA TYR A 237 -15.77 18.48 -10.98
C TYR A 237 -15.37 17.86 -12.33
N ASP A 238 -16.02 18.28 -13.41
CA ASP A 238 -15.77 17.68 -14.73
C ASP A 238 -14.45 18.18 -15.35
N HIS A 239 -14.08 19.43 -15.11
CA HIS A 239 -12.98 20.08 -15.84
C HIS A 239 -11.69 20.27 -15.09
N VAL A 240 -11.71 20.11 -13.78
CA VAL A 240 -10.49 20.25 -12.98
C VAL A 240 -9.98 18.85 -12.60
N LYS A 241 -8.68 18.60 -12.78
CA LYS A 241 -8.09 17.30 -12.41
C LYS A 241 -7.19 17.45 -11.21
N ARG A 242 -6.84 16.33 -10.58
CA ARG A 242 -5.82 16.23 -9.54
C ARG A 242 -4.56 16.96 -9.97
N GLY A 243 -4.06 17.86 -9.12
CA GLY A 243 -2.86 18.62 -9.42
C GLY A 243 -3.08 20.00 -9.99
N ASP A 244 -4.30 20.30 -10.47
CA ASP A 244 -4.65 21.69 -10.80
C ASP A 244 -4.60 22.54 -9.52
N ILE A 245 -4.56 23.87 -9.69
CA ILE A 245 -4.30 24.82 -8.60
C ILE A 245 -5.53 25.70 -8.31
N VAL A 246 -5.85 25.84 -7.02
CA VAL A 246 -6.80 26.86 -6.62
C VAL A 246 -5.98 27.84 -5.75
N GLU A 247 -5.98 29.10 -6.16
CA GLU A 247 -5.34 30.14 -5.37
C GLU A 247 -6.43 30.97 -4.71
N VAL A 248 -6.36 31.14 -3.40
CA VAL A 248 -7.26 31.98 -2.66
C VAL A 248 -6.50 33.24 -2.27
N VAL A 249 -7.10 34.41 -2.56
CA VAL A 249 -6.48 35.67 -2.21
C VAL A 249 -7.50 36.60 -1.55
N ASN A 250 -6.98 37.49 -0.70
CA ASN A 250 -7.70 38.62 -0.13
C ASN A 250 -8.72 38.27 0.93
N THR A 251 -8.63 37.08 1.54
CA THR A 251 -9.56 36.77 2.64
C THR A 251 -9.01 37.36 3.94
N VAL A 252 -9.82 37.39 4.99
CA VAL A 252 -9.37 37.84 6.31
C VAL A 252 -8.66 36.69 7.04
N GLY A 253 -8.54 35.53 6.39
CA GLY A 253 -7.90 34.38 7.02
C GLY A 253 -6.39 34.51 6.96
N GLY A 254 -5.68 33.57 7.60
CA GLY A 254 -4.24 33.47 7.41
C GLY A 254 -3.89 32.75 6.12
N THR A 255 -2.72 32.11 6.14
CA THR A 255 -2.23 31.33 5.01
C THR A 255 -2.42 29.85 5.33
N LEU A 256 -2.81 29.07 4.32
CA LEU A 256 -2.90 27.62 4.45
C LEU A 256 -1.54 27.00 4.87
N PRO A 257 -1.53 26.15 5.93
CA PRO A 257 -0.29 25.45 6.36
C PRO A 257 0.37 24.68 5.22
N GLY A 258 1.68 24.84 5.08
CA GLY A 258 2.42 24.14 4.03
C GLY A 258 2.39 22.63 4.16
N ILE A 259 2.26 22.13 5.39
CA ILE A 259 2.16 20.68 5.58
C ILE A 259 0.71 20.15 5.65
N ASP A 260 -0.27 20.93 5.20
CA ASP A 260 -1.67 20.46 5.19
C ASP A 260 -1.82 19.08 4.54
N GLY A 261 -1.12 18.87 3.44
CA GLY A 261 -1.30 17.68 2.61
C GLY A 261 -1.47 18.13 1.16
N LEU A 262 -2.12 19.25 0.98
CA LEU A 262 -2.30 19.87 -0.29
C LEU A 262 -1.79 21.31 -0.32
N GLY A 263 -1.03 21.67 0.70
CA GLY A 263 -0.56 23.01 0.92
C GLY A 263 0.89 23.25 0.53
N ASP A 264 1.48 22.31 -0.18
CA ASP A 264 2.92 22.22 -0.37
C ASP A 264 3.58 23.50 -0.94
N TRP A 265 2.91 24.15 -1.87
CA TRP A 265 3.39 25.34 -2.54
C TRP A 265 3.52 26.58 -1.68
N ASN A 266 2.90 26.56 -0.52
CA ASN A 266 2.97 27.61 0.47
C ASN A 266 4.29 27.65 1.25
N ILE A 267 5.10 26.61 1.12
CA ILE A 267 6.41 26.56 1.78
C ILE A 267 7.41 27.27 0.88
N PRO A 268 8.09 28.31 1.41
CA PRO A 268 9.10 29.03 0.62
C PRO A 268 10.15 28.04 0.08
N TRP A 269 10.59 28.25 -1.17
CA TRP A 269 11.54 27.35 -1.82
C TRP A 269 12.81 27.14 -1.03
N ASP A 270 13.35 28.18 -0.41
CA ASP A 270 14.58 27.98 0.36
C ASP A 270 14.41 26.98 1.51
N GLN A 271 13.28 27.02 2.21
CA GLN A 271 12.97 26.03 3.25
C GLN A 271 12.68 24.65 2.68
N TRP A 272 11.91 24.60 1.60
CA TRP A 272 11.59 23.32 0.98
C TRP A 272 12.85 22.62 0.51
N ARG A 273 13.67 23.33 -0.26
CA ARG A 273 14.93 22.79 -0.79
C ARG A 273 15.90 22.33 0.29
N ALA A 274 16.02 23.12 1.37
CA ALA A 274 16.87 22.70 2.50
C ALA A 274 16.42 21.36 3.04
N GLY A 275 15.11 21.13 3.00
CA GLY A 275 14.55 19.86 3.42
C GLY A 275 14.48 19.74 4.94
N ASN A 276 14.10 18.57 5.43
CA ASN A 276 13.90 18.32 6.85
C ASN A 276 14.11 16.87 7.20
N ALA A 277 15.09 16.25 6.54
CA ALA A 277 15.23 14.81 6.68
C ALA A 277 16.18 14.47 7.79
N LYS A 278 15.65 13.76 8.78
CA LYS A 278 16.48 13.09 9.79
C LYS A 278 17.21 11.93 9.08
N ALA A 279 18.52 12.05 8.96
CA ALA A 279 19.33 11.07 8.26
C ALA A 279 20.05 10.14 9.26
N LEU B 12 -26.25 4.07 -2.47
CA LEU B 12 -26.75 3.97 -1.07
C LEU B 12 -25.62 4.22 -0.06
N THR B 13 -24.39 4.08 -0.50
CA THR B 13 -23.23 4.20 0.39
C THR B 13 -22.28 5.33 -0.05
N PHE B 14 -22.03 6.29 0.83
CA PHE B 14 -21.21 7.48 0.49
C PHE B 14 -19.99 7.67 1.39
N GLN B 15 -18.98 8.32 0.84
CA GLN B 15 -17.79 8.70 1.60
C GLN B 15 -18.11 9.79 2.63
N THR B 16 -17.36 9.78 3.73
CA THR B 16 -17.45 10.81 4.77
C THR B 16 -16.13 11.57 4.78
N SER B 17 -16.20 12.90 4.74
CA SER B 17 -15.03 13.75 4.80
C SER B 17 -14.36 13.65 6.17
N SER B 18 -13.03 13.54 6.19
CA SER B 18 -12.33 13.39 7.47
C SER B 18 -10.94 14.01 7.41
N PRO B 19 -10.50 14.64 8.52
CA PRO B 19 -9.11 15.10 8.56
C PRO B 19 -8.11 13.93 8.54
N ALA B 20 -8.52 12.80 9.09
CA ALA B 20 -7.69 11.58 9.12
C ALA B 20 -7.57 10.93 7.75
N HIS B 21 -6.48 10.25 7.54
CA HIS B 21 -6.22 9.62 6.28
C HIS B 21 -7.15 8.50 5.88
N LEU B 22 -7.51 8.41 4.61
CA LEU B 22 -8.29 7.32 4.09
C LEU B 22 -7.42 6.10 4.08
N THR B 23 -7.99 4.92 4.15
CA THR B 23 -7.28 3.68 4.09
C THR B 23 -7.72 2.79 2.92
N MET B 24 -6.75 2.30 2.18
CA MET B 24 -7.01 1.56 1.00
C MET B 24 -6.71 0.08 1.24
N PRO B 25 -7.68 -0.79 0.93
CA PRO B 25 -7.44 -2.26 1.08
C PRO B 25 -6.82 -2.87 -0.16
N TYR B 26 -6.00 -3.90 0.04
CA TYR B 26 -5.41 -4.68 -1.07
C TYR B 26 -5.58 -6.16 -0.75
N VAL B 27 -5.97 -6.93 -1.76
CA VAL B 27 -6.32 -8.32 -1.55
C VAL B 27 -5.33 -9.23 -2.26
N MET B 28 -4.81 -10.21 -1.54
CA MET B 28 -4.03 -11.29 -2.15
C MET B 28 -4.73 -12.62 -1.83
N PRO B 29 -4.71 -13.57 -2.79
CA PRO B 29 -4.07 -13.48 -4.10
C PRO B 29 -4.84 -12.58 -5.07
N GLY B 30 -4.20 -12.25 -6.18
CA GLY B 30 -4.78 -11.34 -7.16
C GLY B 30 -5.99 -11.91 -7.86
N ASP B 31 -6.81 -11.01 -8.36
CA ASP B 31 -8.04 -11.34 -9.06
C ASP B 31 -7.77 -12.28 -10.24
N GLY B 32 -8.49 -13.39 -10.30
CA GLY B 32 -8.32 -14.36 -11.39
C GLY B 32 -7.21 -15.39 -11.24
N GLU B 33 -6.41 -15.33 -10.18
CA GLU B 33 -5.32 -16.31 -10.02
C GLU B 33 -5.82 -17.72 -9.66
N VAL B 34 -5.06 -18.73 -10.07
CA VAL B 34 -5.24 -20.09 -9.59
C VAL B 34 -4.12 -20.37 -8.57
N VAL B 35 -4.47 -20.80 -7.37
CA VAL B 35 -3.47 -20.97 -6.31
C VAL B 35 -3.59 -22.38 -5.70
N GLY B 36 -2.58 -22.75 -4.92
CA GLY B 36 -2.58 -24.02 -4.20
C GLY B 36 -3.51 -24.07 -3.01
N VAL B 37 -3.68 -25.27 -2.46
CA VAL B 37 -4.63 -25.53 -1.37
C VAL B 37 -4.20 -24.92 -0.03
N GLY B 38 -2.98 -24.41 0.06
CA GLY B 38 -2.51 -23.73 1.28
C GLY B 38 -2.62 -22.21 1.28
N GLU B 39 -3.21 -21.64 0.22
CA GLU B 39 -3.25 -20.17 0.09
C GLU B 39 -4.28 -19.50 1.01
N PRO B 40 -3.82 -18.64 1.95
CA PRO B 40 -4.78 -17.88 2.77
C PRO B 40 -5.30 -16.68 1.97
N VAL B 41 -6.51 -16.22 2.26
CA VAL B 41 -6.91 -14.88 1.84
C VAL B 41 -6.08 -13.89 2.68
N ALA B 42 -5.45 -12.92 2.03
CA ALA B 42 -4.74 -11.85 2.76
C ALA B 42 -5.30 -10.49 2.35
N ILE B 43 -5.80 -9.74 3.32
CA ILE B 43 -6.21 -8.36 3.08
C ILE B 43 -5.25 -7.44 3.82
N ARG B 44 -4.53 -6.63 3.04
CA ARG B 44 -3.56 -5.71 3.61
C ARG B 44 -4.07 -4.27 3.40
N PHE B 45 -3.86 -3.41 4.39
CA PHE B 45 -4.28 -2.01 4.28
C PHE B 45 -3.02 -1.14 4.23
N ASP B 46 -3.13 0.06 3.65
CA ASP B 46 -1.95 0.92 3.58
C ASP B 46 -1.74 1.74 4.85
N GLU B 47 -2.49 1.39 5.89
CA GLU B 47 -2.49 2.08 7.17
C GLU B 47 -2.75 1.04 8.24
N ASN B 48 -2.24 1.27 9.44
CA ASN B 48 -2.66 0.49 10.61
C ASN B 48 -4.17 0.64 10.87
N ILE B 49 -4.83 -0.48 11.19
CA ILE B 49 -6.27 -0.48 11.41
C ILE B 49 -6.50 -0.36 12.90
N ALA B 50 -7.18 0.72 13.31
CA ALA B 50 -7.50 0.93 14.71
C ALA B 50 -8.67 0.07 15.14
N ASP B 51 -9.67 -0.13 14.27
CA ASP B 51 -10.82 -0.98 14.61
C ASP B 51 -10.88 -2.30 13.80
N ARG B 52 -10.22 -3.33 14.33
CA ARG B 52 -10.12 -4.62 13.66
C ARG B 52 -11.47 -5.27 13.38
N GLY B 53 -12.39 -5.17 14.34
CA GLY B 53 -13.75 -5.69 14.17
C GLY B 53 -14.52 -5.06 13.02
N ALA B 54 -14.42 -3.74 12.85
CA ALA B 54 -15.06 -3.07 11.72
C ALA B 54 -14.46 -3.57 10.41
N ALA B 55 -13.14 -3.77 10.40
CA ALA B 55 -12.46 -4.30 9.20
C ALA B 55 -12.98 -5.71 8.87
N GLU B 56 -13.00 -6.58 9.89
CA GLU B 56 -13.51 -7.95 9.71
C GLU B 56 -14.95 -8.02 9.24
N LYS B 57 -15.82 -7.23 9.85
CA LYS B 57 -17.22 -7.10 9.45
C LYS B 57 -17.40 -6.70 7.98
N ALA B 58 -16.48 -5.89 7.46
CA ALA B 58 -16.59 -5.37 6.09
C ALA B 58 -16.13 -6.39 5.06
N ILE B 59 -15.44 -7.44 5.51
CA ILE B 59 -14.86 -8.44 4.61
C ILE B 59 -15.76 -9.68 4.54
N LYS B 60 -16.30 -9.96 3.36
CA LYS B 60 -17.19 -11.12 3.17
C LYS B 60 -16.54 -12.12 2.23
N ILE B 61 -16.32 -13.33 2.72
CA ILE B 61 -15.69 -14.36 1.91
C ILE B 61 -16.72 -15.44 1.54
N THR B 62 -16.87 -15.67 0.24
CA THR B 62 -17.80 -16.68 -0.32
C THR B 62 -17.02 -17.77 -1.00
N THR B 63 -17.37 -19.02 -0.71
CA THR B 63 -16.64 -20.15 -1.24
C THR B 63 -17.61 -21.18 -1.80
N ASN B 64 -17.19 -21.83 -2.88
CA ASN B 64 -17.93 -22.94 -3.44
C ASN B 64 -17.01 -24.11 -3.72
N PRO B 65 -17.22 -25.26 -3.06
CA PRO B 65 -18.23 -25.52 -2.02
C PRO B 65 -18.02 -24.66 -0.77
N PRO B 66 -19.10 -24.38 -0.02
CA PRO B 66 -19.06 -23.52 1.16
C PRO B 66 -18.13 -24.14 2.20
N VAL B 67 -17.25 -23.36 2.77
CA VAL B 67 -16.42 -23.83 3.84
C VAL B 67 -16.29 -22.74 4.89
N GLU B 68 -16.26 -23.11 6.15
CA GLU B 68 -16.08 -22.19 7.23
C GLU B 68 -14.60 -21.81 7.37
N GLY B 69 -14.37 -20.57 7.76
CA GLY B 69 -13.05 -20.03 7.99
C GLY B 69 -12.96 -19.02 9.13
N ALA B 70 -11.78 -18.50 9.43
CA ALA B 70 -11.67 -17.44 10.45
C ALA B 70 -10.55 -16.49 10.11
N PHE B 71 -10.62 -15.29 10.69
CA PHE B 71 -9.59 -14.24 10.54
C PHE B 71 -8.48 -14.31 11.59
N TYR B 72 -7.26 -13.99 11.17
CA TYR B 72 -6.17 -13.83 12.14
C TYR B 72 -5.29 -12.66 11.67
N TRP B 73 -5.01 -11.72 12.57
CA TRP B 73 -4.19 -10.56 12.22
C TRP B 73 -2.73 -10.86 12.23
N LEU B 74 -2.12 -10.78 11.07
CA LEU B 74 -0.70 -11.08 10.92
C LEU B 74 0.16 -9.98 11.55
N ASN B 75 -0.25 -8.74 11.38
CA ASN B 75 0.32 -7.55 12.00
C ASN B 75 -0.78 -6.51 12.04
N ASN B 76 -0.45 -5.28 12.38
CA ASN B 76 -1.46 -4.25 12.47
C ASN B 76 -2.17 -3.90 11.17
N ARG B 77 -1.54 -4.10 10.04
CA ARG B 77 -2.21 -3.77 8.81
C ARG B 77 -2.54 -4.92 7.87
N GLU B 78 -2.38 -6.13 8.31
CA GLU B 78 -2.68 -7.26 7.47
C GLU B 78 -3.45 -8.35 8.21
N VAL B 79 -4.55 -8.77 7.63
CA VAL B 79 -5.37 -9.83 8.18
C VAL B 79 -5.44 -11.00 7.18
N ARG B 80 -5.44 -12.21 7.72
CA ARG B 80 -5.48 -13.41 6.90
C ARG B 80 -6.80 -14.15 7.18
N TRP B 81 -7.32 -14.84 6.17
CA TRP B 81 -8.45 -15.72 6.44
C TRP B 81 -8.15 -17.05 5.82
N ARG B 82 -8.40 -18.13 6.55
CA ARG B 82 -8.29 -19.47 5.96
C ARG B 82 -9.27 -20.44 6.62
N PRO B 83 -9.55 -21.58 5.95
CA PRO B 83 -10.28 -22.66 6.61
C PRO B 83 -9.40 -23.37 7.63
N GLU B 84 -10.02 -24.27 8.40
CA GLU B 84 -9.32 -25.11 9.36
C GLU B 84 -8.33 -26.05 8.66
N HIS B 85 -8.75 -26.63 7.53
CA HIS B 85 -7.93 -27.55 6.78
C HIS B 85 -7.62 -27.00 5.42
N PHE B 86 -6.59 -27.53 4.74
CA PHE B 86 -6.28 -27.11 3.36
C PHE B 86 -7.54 -27.02 2.50
N TRP B 87 -7.57 -26.09 1.54
CA TRP B 87 -8.69 -25.96 0.61
C TRP B 87 -8.95 -27.24 -0.11
N LYS B 88 -10.20 -27.49 -0.48
CA LYS B 88 -10.53 -28.58 -1.38
C LYS B 88 -10.15 -28.13 -2.80
N PRO B 89 -9.37 -28.95 -3.52
CA PRO B 89 -9.06 -28.64 -4.92
C PRO B 89 -10.31 -28.27 -5.72
N GLY B 90 -10.20 -27.27 -6.59
CA GLY B 90 -11.36 -26.81 -7.37
C GLY B 90 -12.29 -25.80 -6.72
N THR B 91 -12.03 -25.43 -5.45
CA THR B 91 -12.85 -24.43 -4.76
C THR B 91 -12.77 -23.06 -5.47
N ALA B 92 -13.92 -22.41 -5.65
CA ALA B 92 -13.97 -21.03 -6.16
C ALA B 92 -14.15 -20.08 -4.97
N VAL B 93 -13.34 -19.02 -4.92
CA VAL B 93 -13.36 -18.11 -3.76
C VAL B 93 -13.62 -16.69 -4.24
N ASP B 94 -14.58 -16.03 -3.61
CA ASP B 94 -14.87 -14.63 -3.87
C ASP B 94 -14.59 -13.85 -2.61
N VAL B 95 -13.85 -12.76 -2.73
CA VAL B 95 -13.55 -11.91 -1.59
C VAL B 95 -14.14 -10.54 -1.88
N ALA B 96 -15.06 -10.10 -1.03
CA ALA B 96 -15.59 -8.73 -1.09
C ALA B 96 -15.12 -7.97 0.14
N VAL B 97 -14.35 -6.93 -0.08
CA VAL B 97 -13.89 -6.03 0.99
C VAL B 97 -14.67 -4.73 0.77
N ASN B 98 -15.77 -4.60 1.51
CA ASN B 98 -16.76 -3.53 1.33
C ASN B 98 -16.45 -2.41 2.31
N THR B 99 -15.27 -1.81 2.15
CA THR B 99 -14.78 -0.80 3.06
C THR B 99 -15.09 0.66 2.63
N TYR B 100 -15.67 0.86 1.44
CA TYR B 100 -15.96 2.23 0.98
C TYR B 100 -16.80 3.03 1.98
N GLY B 101 -16.18 4.01 2.62
CA GLY B 101 -16.89 4.87 3.54
C GLY B 101 -17.23 4.22 4.87
N VAL B 102 -16.54 3.14 5.19
CA VAL B 102 -16.70 2.47 6.49
C VAL B 102 -15.68 3.09 7.44
N ASP B 103 -16.13 3.50 8.63
CA ASP B 103 -15.20 4.02 9.63
C ASP B 103 -14.39 2.86 10.17
N LEU B 104 -13.10 2.86 9.87
CA LEU B 104 -12.22 1.81 10.35
C LEU B 104 -11.51 2.18 11.67
N GLY B 105 -12.01 3.21 12.34
CA GLY B 105 -11.46 3.60 13.64
C GLY B 105 -10.68 4.90 13.53
N GLU B 106 -10.84 5.75 14.54
CA GLU B 106 -10.10 7.01 14.66
C GLU B 106 -10.22 7.89 13.42
N GLY B 107 -11.45 7.96 12.89
CA GLY B 107 -11.78 8.81 11.74
C GLY B 107 -11.17 8.39 10.42
N MET B 108 -10.61 7.17 10.37
CA MET B 108 -10.02 6.69 9.13
C MET B 108 -11.04 5.86 8.38
N PHE B 109 -11.40 6.32 7.19
CA PHE B 109 -12.46 5.72 6.40
C PHE B 109 -11.89 4.90 5.23
N GLY B 110 -12.59 3.84 4.86
CA GLY B 110 -12.17 3.04 3.72
C GLY B 110 -12.25 3.85 2.43
N GLU B 111 -11.16 3.85 1.68
CA GLU B 111 -11.06 4.62 0.46
C GLU B 111 -11.84 4.04 -0.71
N ASP B 112 -12.10 2.73 -0.68
CA ASP B 112 -12.76 2.06 -1.80
C ASP B 112 -13.23 0.65 -1.42
N ASN B 113 -14.03 0.05 -2.30
CA ASN B 113 -14.38 -1.35 -2.22
C ASN B 113 -13.41 -2.13 -3.09
N VAL B 114 -13.13 -3.38 -2.72
CA VAL B 114 -12.32 -4.25 -3.58
C VAL B 114 -12.99 -5.63 -3.63
N GLN B 115 -13.15 -6.16 -4.84
CA GLN B 115 -13.70 -7.50 -4.98
C GLN B 115 -12.83 -8.32 -5.91
N THR B 116 -12.50 -9.53 -5.47
CA THR B 116 -11.66 -10.41 -6.29
C THR B 116 -12.19 -11.83 -6.29
N HIS B 117 -11.66 -12.63 -7.18
CA HIS B 117 -11.98 -14.02 -7.28
C HIS B 117 -10.71 -14.78 -7.46
N PHE B 118 -10.67 -15.98 -6.94
CA PHE B 118 -9.60 -16.88 -7.22
C PHE B 118 -10.02 -18.32 -7.07
N THR B 119 -9.24 -19.22 -7.62
CA THR B 119 -9.54 -20.63 -7.67
C THR B 119 -8.44 -21.43 -7.05
N ILE B 120 -8.82 -22.53 -6.44
CA ILE B 120 -7.90 -23.48 -5.90
C ILE B 120 -7.61 -24.58 -6.93
N GLY B 121 -6.37 -24.76 -7.26
CA GLY B 121 -5.93 -25.73 -8.21
C GLY B 121 -5.77 -27.11 -7.59
N ASP B 122 -4.98 -27.97 -8.22
CA ASP B 122 -4.67 -29.29 -7.68
C ASP B 122 -4.02 -29.20 -6.30
N GLU B 123 -4.22 -30.25 -5.51
CA GLU B 123 -3.53 -30.36 -4.24
C GLU B 123 -2.09 -30.81 -4.47
N VAL B 124 -1.15 -29.92 -4.19
CA VAL B 124 0.26 -30.23 -4.32
C VAL B 124 0.93 -30.09 -2.95
N ILE B 125 1.37 -31.22 -2.43
CA ILE B 125 2.03 -31.23 -1.13
C ILE B 125 3.36 -31.96 -1.29
N ALA B 126 4.42 -31.27 -0.91
CA ALA B 126 5.75 -31.81 -1.00
C ALA B 126 6.28 -31.99 0.41
N THR B 127 6.73 -33.19 0.73
CA THR B 127 7.20 -33.48 2.09
C THR B 127 8.70 -33.74 2.04
N ALA B 128 9.45 -32.97 2.82
CA ALA B 128 10.89 -33.12 2.95
C ALA B 128 11.11 -33.77 4.28
N ASP B 129 11.49 -35.05 4.26
CA ASP B 129 11.72 -35.83 5.48
C ASP B 129 13.21 -35.90 5.74
N ASP B 130 13.64 -35.36 6.88
CA ASP B 130 15.06 -35.38 7.23
C ASP B 130 15.56 -36.78 7.60
N ASN B 131 14.67 -37.68 7.98
CA ASN B 131 15.09 -39.07 8.23
C ASN B 131 15.59 -39.71 6.93
N THR B 132 14.97 -39.35 5.82
CA THR B 132 15.35 -39.94 4.53
C THR B 132 16.13 -39.00 3.61
N LYS B 133 16.08 -37.70 3.89
CA LYS B 133 16.67 -36.65 3.03
C LYS B 133 16.15 -36.72 1.60
N ILE B 134 14.84 -36.97 1.51
CA ILE B 134 14.11 -36.95 0.25
C ILE B 134 12.93 -35.98 0.35
N LEU B 135 12.75 -35.19 -0.71
CA LEU B 135 11.61 -34.34 -0.88
C LEU B 135 10.62 -35.06 -1.84
N THR B 136 9.48 -35.48 -1.32
CA THR B 136 8.47 -36.20 -2.10
C THR B 136 7.31 -35.28 -2.44
N VAL B 137 7.03 -35.16 -3.74
CA VAL B 137 5.94 -34.34 -4.21
C VAL B 137 4.72 -35.22 -4.52
N ARG B 138 3.60 -34.90 -3.87
CA ARG B 138 2.33 -35.56 -4.12
C ARG B 138 1.36 -34.61 -4.80
N VAL B 139 0.67 -35.11 -5.82
CA VAL B 139 -0.33 -34.33 -6.52
C VAL B 139 -1.62 -35.10 -6.41
N ASN B 140 -2.62 -34.46 -5.81
CA ASN B 140 -3.86 -35.11 -5.39
C ASN B 140 -3.63 -36.47 -4.73
N GLY B 141 -2.65 -36.52 -3.82
CA GLY B 141 -2.38 -37.72 -3.01
C GLY B 141 -1.46 -38.74 -3.66
N GLU B 142 -1.09 -38.53 -4.92
CA GLU B 142 -0.24 -39.47 -5.66
C GLU B 142 1.21 -38.97 -5.80
N VAL B 143 2.18 -39.81 -5.44
CA VAL B 143 3.61 -39.46 -5.59
C VAL B 143 3.96 -39.28 -7.07
N VAL B 144 4.40 -38.08 -7.46
CA VAL B 144 4.82 -37.82 -8.85
C VAL B 144 6.32 -37.56 -8.95
N LYS B 145 6.96 -37.18 -7.84
CA LYS B 145 8.38 -36.91 -7.86
C LYS B 145 9.00 -37.30 -6.54
N SER B 146 10.20 -37.87 -6.60
CA SER B 146 10.99 -38.17 -5.43
C SER B 146 12.33 -37.50 -5.69
N MET B 147 12.66 -36.48 -4.90
CA MET B 147 13.85 -35.65 -5.16
C MET B 147 14.78 -35.72 -3.96
N PRO B 148 16.00 -36.28 -4.15
CA PRO B 148 17.01 -36.19 -3.11
C PRO B 148 17.26 -34.72 -2.76
N THR B 149 17.49 -34.44 -1.48
CA THR B 149 17.67 -33.07 -1.04
C THR B 149 18.72 -32.96 0.05
N SER B 150 19.28 -31.78 0.19
CA SER B 150 20.19 -31.48 1.29
C SER B 150 19.64 -30.24 1.97
N MET B 151 19.39 -30.37 3.27
CA MET B 151 18.75 -29.34 4.05
C MET B 151 19.79 -28.70 4.99
N GLY B 152 19.33 -27.90 5.95
CA GLY B 152 20.24 -27.14 6.81
C GLY B 152 21.13 -28.03 7.66
N LYS B 153 22.44 -27.76 7.67
CA LYS B 153 23.32 -28.49 8.60
C LYS B 153 22.92 -28.22 10.05
N ASP B 154 23.43 -29.01 10.97
CA ASP B 154 23.00 -28.97 12.38
C ASP B 154 23.03 -27.58 13.03
N SER B 155 24.04 -26.79 12.69
CA SER B 155 24.20 -25.44 13.23
C SER B 155 23.26 -24.43 12.57
N THR B 156 22.72 -24.75 11.39
CA THR B 156 21.81 -23.86 10.67
C THR B 156 20.66 -24.67 10.05
N PRO B 157 19.83 -25.31 10.89
CA PRO B 157 18.90 -26.30 10.37
C PRO B 157 17.67 -25.71 9.72
N THR B 158 17.03 -26.51 8.89
CA THR B 158 15.75 -26.13 8.36
C THR B 158 14.72 -26.37 9.45
N ALA B 159 13.87 -25.39 9.70
CA ALA B 159 12.80 -25.57 10.68
C ALA B 159 11.75 -26.52 10.11
N ASN B 160 11.16 -27.32 11.00
CA ASN B 160 10.03 -28.18 10.69
C ASN B 160 8.78 -27.36 10.53
N GLY B 161 7.80 -27.92 9.82
CA GLY B 161 6.48 -27.37 9.78
C GLY B 161 5.94 -27.27 8.37
N ILE B 162 4.87 -26.51 8.24
CA ILE B 162 4.15 -26.37 6.99
C ILE B 162 4.49 -24.99 6.42
N TYR B 163 5.00 -24.99 5.20
CA TYR B 163 5.42 -23.78 4.49
C TYR B 163 4.50 -23.61 3.30
N ILE B 164 4.09 -22.38 3.03
CA ILE B 164 3.31 -22.07 1.85
C ILE B 164 4.26 -21.55 0.78
N VAL B 165 4.17 -22.09 -0.44
CA VAL B 165 4.94 -21.57 -1.58
C VAL B 165 4.51 -20.14 -1.91
N GLY B 166 5.50 -19.26 -2.03
CA GLY B 166 5.26 -17.85 -2.37
C GLY B 166 5.74 -17.59 -3.78
N SER B 167 6.71 -16.69 -3.92
CA SER B 167 7.24 -16.34 -5.24
C SER B 167 8.24 -17.35 -5.78
N ARG B 168 8.40 -17.38 -7.10
CA ARG B 168 9.48 -18.13 -7.70
C ARG B 168 10.33 -17.30 -8.67
N TYR B 169 11.59 -17.70 -8.83
CA TYR B 169 12.56 -16.93 -9.60
C TYR B 169 13.40 -17.83 -10.46
N LYS B 170 13.49 -17.49 -11.74
CA LYS B 170 14.37 -18.22 -12.63
C LYS B 170 15.81 -18.08 -12.13
N HIS B 171 16.12 -16.89 -11.63
CA HIS B 171 17.45 -16.58 -11.15
C HIS B 171 17.45 -15.55 -10.06
N ILE B 172 18.24 -15.76 -9.03
CA ILE B 172 18.32 -14.83 -7.91
C ILE B 172 19.67 -14.93 -7.21
N ILE B 173 20.06 -13.85 -6.53
CA ILE B 173 21.31 -13.81 -5.76
C ILE B 173 21.02 -13.92 -4.27
N MET B 174 21.73 -14.83 -3.62
CA MET B 174 21.68 -15.01 -2.19
C MET B 174 22.98 -14.43 -1.65
N ASP B 175 22.89 -13.47 -0.74
CA ASP B 175 24.04 -12.72 -0.27
C ASP B 175 23.90 -12.63 1.25
N SER B 176 24.91 -13.10 1.97
CA SER B 176 24.84 -13.14 3.43
C SER B 176 24.83 -11.74 4.08
N SER B 177 25.34 -10.74 3.37
CA SER B 177 25.45 -9.36 3.92
C SER B 177 24.10 -8.66 4.14
N THR B 178 23.01 -9.46 4.12
CA THR B 178 21.66 -9.00 4.48
C THR B 178 21.14 -9.73 5.73
N TYR B 179 21.92 -10.70 6.20
CA TYR B 179 21.78 -11.23 7.55
C TYR B 179 22.83 -10.56 8.43
N GLY B 180 23.44 -9.48 7.92
CA GLY B 180 24.52 -8.78 8.61
C GLY B 180 25.89 -9.45 8.54
N VAL B 181 26.00 -10.56 7.80
CA VAL B 181 27.26 -11.29 7.69
C VAL B 181 27.99 -10.93 6.38
N PRO B 182 29.12 -10.18 6.49
CA PRO B 182 29.87 -9.77 5.30
C PRO B 182 30.29 -10.95 4.43
N VAL B 183 30.35 -10.73 3.11
CA VAL B 183 30.72 -11.77 2.14
C VAL B 183 32.17 -12.23 2.36
N ASN B 184 33.05 -11.32 2.75
CA ASN B 184 34.39 -11.67 3.19
C ASN B 184 34.48 -11.97 4.70
N SER B 185 34.05 -13.15 5.10
CA SER B 185 34.16 -13.62 6.45
C SER B 185 33.97 -15.10 6.34
N PRO B 186 34.25 -15.86 7.38
CA PRO B 186 34.39 -17.29 7.13
C PRO B 186 33.12 -17.89 6.54
N ASN B 187 31.99 -17.51 7.07
CA ASN B 187 30.70 -18.06 6.66
C ASN B 187 29.82 -17.08 5.91
N GLY B 188 30.42 -16.03 5.38
CA GLY B 188 29.78 -15.16 4.43
C GLY B 188 29.72 -15.82 3.08
N TYR B 189 28.78 -15.42 2.24
CA TYR B 189 28.65 -15.96 0.88
C TYR B 189 27.91 -15.03 -0.07
N ARG B 190 28.21 -15.12 -1.34
CA ARG B 190 27.35 -14.56 -2.39
C ARG B 190 27.22 -15.60 -3.49
N THR B 191 25.98 -15.97 -3.79
CA THR B 191 25.68 -17.10 -4.64
C THR B 191 24.61 -16.76 -5.69
N ASP B 192 24.93 -17.02 -6.96
CA ASP B 192 23.95 -17.06 -8.03
C ASP B 192 23.18 -18.37 -7.91
N VAL B 193 21.85 -18.27 -7.86
CA VAL B 193 21.01 -19.46 -7.70
C VAL B 193 19.96 -19.51 -8.81
N ASP B 194 19.79 -20.68 -9.43
CA ASP B 194 18.75 -20.89 -10.42
C ASP B 194 17.52 -21.59 -9.82
N TRP B 195 16.36 -21.31 -10.41
CA TRP B 195 15.11 -22.07 -10.15
C TRP B 195 14.81 -22.11 -8.67
N ALA B 196 14.59 -20.93 -8.10
CA ALA B 196 14.37 -20.76 -6.67
C ALA B 196 12.89 -20.51 -6.41
N THR B 197 12.29 -21.39 -5.61
CA THR B 197 10.92 -21.27 -5.17
C THR B 197 10.94 -20.92 -3.68
N GLN B 198 10.43 -19.74 -3.35
CA GLN B 198 10.46 -19.26 -1.96
C GLN B 198 9.33 -19.89 -1.15
N ILE B 199 9.64 -20.31 0.07
CA ILE B 199 8.62 -20.96 0.90
C ILE B 199 8.54 -20.37 2.32
N SER B 200 9.41 -19.42 2.63
CA SER B 200 9.24 -18.56 3.81
C SER B 200 9.76 -17.14 3.58
N TYR B 201 9.15 -16.16 4.24
CA TYR B 201 9.69 -14.79 4.22
C TYR B 201 11.10 -14.76 4.83
N SER B 202 11.36 -15.66 5.78
CA SER B 202 12.65 -15.70 6.46
C SER B 202 13.76 -16.15 5.52
N GLY B 203 13.39 -16.69 4.35
CA GLY B 203 14.37 -16.97 3.31
C GLY B 203 14.61 -18.43 2.93
N VAL B 204 13.76 -19.34 3.37
CA VAL B 204 13.86 -20.71 2.92
C VAL B 204 13.41 -20.84 1.47
N PHE B 205 14.25 -21.41 0.61
CA PHE B 205 13.89 -21.70 -0.79
C PHE B 205 14.12 -23.17 -1.09
N VAL B 206 13.36 -23.71 -2.04
CA VAL B 206 13.75 -24.91 -2.74
C VAL B 206 14.46 -24.37 -3.97
N HIS B 207 15.69 -24.82 -4.23
CA HIS B 207 16.40 -24.32 -5.40
C HIS B 207 17.46 -25.24 -5.91
N SER B 208 17.94 -24.92 -7.10
CA SER B 208 18.99 -25.69 -7.76
C SER B 208 20.33 -25.53 -7.04
N ALA B 209 21.01 -26.65 -6.78
CA ALA B 209 22.25 -26.66 -6.02
C ALA B 209 23.21 -27.68 -6.62
N PRO B 210 23.82 -27.34 -7.78
CA PRO B 210 24.72 -28.33 -8.40
C PRO B 210 25.93 -28.66 -7.53
N TRP B 211 26.36 -27.74 -6.67
CA TRP B 211 27.46 -28.00 -5.72
C TRP B 211 27.24 -29.04 -4.66
N SER B 212 25.98 -29.34 -4.33
CA SER B 212 25.71 -30.35 -3.30
C SER B 212 25.01 -31.61 -3.83
N VAL B 213 25.06 -31.86 -5.14
CA VAL B 213 24.37 -33.05 -5.69
C VAL B 213 24.76 -34.36 -5.01
N GLY B 214 26.05 -34.57 -4.73
CA GLY B 214 26.53 -35.77 -4.02
C GLY B 214 26.04 -35.88 -2.58
N ALA B 215 25.85 -34.75 -1.91
CA ALA B 215 25.28 -34.75 -0.55
C ALA B 215 23.76 -34.97 -0.54
N GLN B 216 23.09 -34.65 -1.65
CA GLN B 216 21.61 -34.68 -1.66
C GLN B 216 21.12 -36.14 -1.50
N GLY B 217 20.24 -36.37 -0.50
CA GLY B 217 19.79 -37.71 -0.16
C GLY B 217 20.65 -38.37 0.91
N HIS B 218 21.69 -37.68 1.37
CA HIS B 218 22.67 -38.28 2.29
C HIS B 218 23.03 -37.44 3.46
N THR B 219 23.39 -36.19 3.21
CA THR B 219 23.95 -35.31 4.24
C THR B 219 23.34 -33.91 4.10
N ASN B 220 23.07 -33.26 5.22
CA ASN B 220 22.68 -31.86 5.24
C ASN B 220 23.88 -30.91 5.16
N THR B 221 23.87 -29.99 4.20
CA THR B 221 25.01 -29.10 3.95
C THR B 221 24.64 -27.63 3.79
N SER B 222 23.35 -27.26 3.86
CA SER B 222 22.95 -25.91 3.49
C SER B 222 22.87 -24.98 4.69
N HIS B 223 22.52 -23.72 4.43
CA HIS B 223 22.23 -22.78 5.49
C HIS B 223 20.80 -22.82 5.97
N GLY B 224 19.98 -23.69 5.37
CA GLY B 224 18.58 -23.86 5.78
C GLY B 224 17.69 -24.12 4.58
N CYS B 225 18.15 -23.70 3.40
CA CYS B 225 17.43 -23.96 2.16
C CYS B 225 17.37 -25.45 1.84
N LEU B 226 16.40 -25.82 1.00
CA LEU B 226 16.28 -27.16 0.49
C LEU B 226 17.00 -27.22 -0.85
N ASN B 227 18.24 -27.74 -0.86
CA ASN B 227 19.02 -27.91 -2.10
C ASN B 227 18.52 -29.15 -2.78
N VAL B 228 18.22 -29.07 -4.08
CA VAL B 228 17.95 -30.24 -4.92
C VAL B 228 18.78 -30.08 -6.23
N SER B 229 18.71 -31.06 -7.13
CA SER B 229 19.48 -31.02 -8.36
C SER B 229 18.90 -29.93 -9.27
N PRO B 230 19.71 -29.43 -10.23
CA PRO B 230 19.19 -28.44 -11.18
C PRO B 230 17.91 -28.87 -11.90
N SER B 231 17.87 -30.11 -12.41
CA SER B 231 16.67 -30.54 -13.12
C SER B 231 15.46 -30.68 -12.17
N ASN B 232 15.68 -31.13 -10.94
CA ASN B 232 14.57 -31.21 -9.98
C ASN B 232 14.02 -29.83 -9.61
N ALA B 233 14.91 -28.86 -9.46
CA ALA B 233 14.51 -27.52 -9.08
C ALA B 233 13.77 -26.83 -10.22
N GLN B 234 14.23 -27.06 -11.45
CA GLN B 234 13.46 -26.57 -12.59
C GLN B 234 12.06 -27.21 -12.64
N TRP B 235 11.99 -28.52 -12.40
CA TRP B 235 10.71 -29.19 -12.31
C TRP B 235 9.84 -28.52 -11.26
N PHE B 236 10.42 -28.29 -10.09
CA PHE B 236 9.68 -27.71 -8.96
C PHE B 236 9.18 -26.30 -9.35
N TYR B 237 10.05 -25.50 -9.94
CA TYR B 237 9.70 -24.17 -10.47
C TYR B 237 8.53 -24.19 -11.49
N ASP B 238 8.60 -25.14 -12.43
CA ASP B 238 7.60 -25.26 -13.49
C ASP B 238 6.23 -25.75 -13.02
N HIS B 239 6.22 -26.62 -12.00
CA HIS B 239 5.02 -27.36 -11.64
C HIS B 239 4.36 -26.96 -10.34
N VAL B 240 5.06 -26.20 -9.52
CA VAL B 240 4.53 -25.81 -8.21
C VAL B 240 4.12 -24.33 -8.27
N LYS B 241 2.94 -23.98 -7.78
CA LYS B 241 2.45 -22.60 -7.79
C LYS B 241 2.31 -22.01 -6.38
N ARG B 242 2.05 -20.72 -6.33
CA ARG B 242 1.78 -20.01 -5.07
C ARG B 242 0.67 -20.74 -4.34
N GLY B 243 0.83 -20.94 -3.04
CA GLY B 243 -0.19 -21.62 -2.26
C GLY B 243 -0.06 -23.13 -2.20
N ASP B 244 0.83 -23.74 -3.01
CA ASP B 244 1.14 -25.16 -2.80
C ASP B 244 1.87 -25.33 -1.45
N ILE B 245 1.96 -26.56 -0.97
CA ILE B 245 2.45 -26.79 0.38
C ILE B 245 3.79 -27.54 0.37
N VAL B 246 4.71 -27.08 1.22
CA VAL B 246 5.89 -27.86 1.53
C VAL B 246 5.87 -28.16 3.03
N GLU B 247 5.98 -29.44 3.39
CA GLU B 247 6.03 -29.87 4.78
C GLU B 247 7.41 -30.41 5.08
N VAL B 248 8.05 -29.85 6.12
CA VAL B 248 9.35 -30.30 6.55
C VAL B 248 9.16 -31.03 7.87
N VAL B 249 9.72 -32.24 7.97
CA VAL B 249 9.55 -33.07 9.16
C VAL B 249 10.88 -33.67 9.58
N ASN B 250 10.99 -33.98 10.88
CA ASN B 250 12.11 -34.72 11.46
C ASN B 250 13.47 -34.04 11.43
N THR B 251 13.53 -32.72 11.23
CA THR B 251 14.82 -32.04 11.37
C THR B 251 15.13 -31.74 12.83
N VAL B 252 16.39 -31.41 13.12
CA VAL B 252 16.81 -30.99 14.46
C VAL B 252 16.44 -29.52 14.69
N GLY B 253 15.83 -28.88 13.68
CA GLY B 253 15.40 -27.49 13.79
C GLY B 253 14.17 -27.37 14.67
N GLY B 254 13.73 -26.14 14.90
CA GLY B 254 12.48 -25.93 15.64
C GLY B 254 11.31 -26.00 14.66
N THR B 255 10.28 -25.21 14.95
CA THR B 255 9.09 -25.11 14.09
C THR B 255 9.06 -23.71 13.48
N LEU B 256 8.63 -23.65 12.24
CA LEU B 256 8.47 -22.40 11.55
C LEU B 256 7.41 -21.57 12.26
N PRO B 257 7.71 -20.32 12.51
CA PRO B 257 6.77 -19.44 13.17
C PRO B 257 5.52 -19.21 12.37
N GLY B 258 4.41 -19.19 13.07
CA GLY B 258 3.13 -18.99 12.47
C GLY B 258 3.06 -17.66 11.76
N ILE B 259 3.73 -16.68 12.29
CA ILE B 259 3.66 -15.36 11.72
C ILE B 259 4.86 -15.00 10.79
N ASP B 260 5.53 -16.00 10.25
CA ASP B 260 6.64 -15.78 9.37
C ASP B 260 6.18 -14.96 8.18
N GLY B 261 4.96 -15.20 7.78
CA GLY B 261 4.37 -14.71 6.57
C GLY B 261 3.91 -15.76 5.57
N LEU B 262 4.54 -16.91 5.58
CA LEU B 262 4.08 -18.09 4.89
C LEU B 262 3.91 -19.27 5.82
N GLY B 263 3.82 -18.96 7.10
CA GLY B 263 3.76 -19.91 8.17
C GLY B 263 2.40 -20.16 8.78
N ASP B 264 1.34 -19.70 8.15
CA ASP B 264 0.02 -19.64 8.72
C ASP B 264 -0.50 -20.99 9.23
N TRP B 265 -0.20 -22.05 8.54
CA TRP B 265 -0.67 -23.37 8.96
C TRP B 265 -0.08 -23.94 10.22
N ASN B 266 1.05 -23.43 10.63
CA ASN B 266 1.67 -23.81 11.88
C ASN B 266 0.93 -23.33 13.14
N ILE B 267 -0.03 -22.45 12.99
CA ILE B 267 -0.80 -21.96 14.14
C ILE B 267 -1.95 -22.93 14.34
N PRO B 268 -2.06 -23.52 15.55
CA PRO B 268 -3.16 -24.44 15.82
C PRO B 268 -4.53 -23.76 15.57
N TRP B 269 -5.52 -24.52 15.18
CA TRP B 269 -6.79 -23.96 14.80
C TRP B 269 -7.46 -23.21 15.92
N ASP B 270 -7.35 -23.70 17.13
CA ASP B 270 -7.95 -23.01 18.25
C ASP B 270 -7.37 -21.64 18.45
N GLN B 271 -6.07 -21.53 18.33
CA GLN B 271 -5.41 -20.28 18.39
C GLN B 271 -5.75 -19.35 17.23
N TRP B 272 -5.80 -19.89 16.03
CA TRP B 272 -6.10 -19.11 14.86
C TRP B 272 -7.47 -18.53 14.97
N ARG B 273 -8.35 -19.37 15.26
CA ARG B 273 -9.73 -18.97 15.39
C ARG B 273 -9.95 -18.00 16.53
N ALA B 274 -9.31 -18.09 17.66
CA ALA B 274 -9.47 -17.19 18.75
C ALA B 274 -9.12 -15.89 18.17
N GLY B 275 -8.10 -15.86 17.36
CA GLY B 275 -7.75 -14.70 16.61
C GLY B 275 -7.10 -13.68 17.51
N ASN B 276 -7.06 -12.46 17.01
CA ASN B 276 -6.52 -11.34 17.77
C ASN B 276 -7.12 -10.00 17.36
N ALA B 277 -8.42 -9.97 17.14
CA ALA B 277 -9.10 -8.73 16.81
C ALA B 277 -9.13 -7.67 17.93
N LYS B 278 -8.82 -8.05 19.18
CA LYS B 278 -8.61 -7.10 20.27
C LYS B 278 -7.19 -6.97 20.73
N ALA B 279 -6.27 -7.48 19.95
CA ALA B 279 -4.86 -7.29 20.23
C ALA B 279 -4.58 -5.94 20.89
#